data_3E8P
#
_entry.id   3E8P
#
_cell.length_a   88.751
_cell.length_b   89.085
_cell.length_c   81.919
_cell.angle_alpha   90.00
_cell.angle_beta   105.10
_cell.angle_gamma   90.00
#
_symmetry.space_group_name_H-M   'C 1 2 1'
#
loop_
_entity.id
_entity.type
_entity.pdbx_description
1 polymer 'uncharacterized protein'
2 water water
#
_entity_poly.entity_id   1
_entity_poly.type   'polypeptide(L)'
_entity_poly.pdbx_seq_one_letter_code
;(MSE)GHHHHHHSH(MSE)SNPIQAEVLKRVAEVFDQHVPFHNLLGLDIKRYDIDGVEVAIN(MSE)KPELIGNIHQQIL
HGGVTATVLDVVGGLTAFAGLVASRDDWTIEELQQRLQTLGTID(MSE)RVDYLRPGRGQIFTGTGSVIRAGNRVSVCR
(MSE)ELHNEQGTHIAFGTGTY(MSE)VG
;
_entity_poly.pdbx_strand_id   A,B,C,D
#
# COMPACT_ATOMS: atom_id res chain seq x y z
N SER A 12 19.05 23.00 15.70
CA SER A 12 17.65 23.26 16.14
C SER A 12 17.60 24.35 17.20
N ASN A 13 16.75 25.36 16.99
CA ASN A 13 16.61 26.45 17.94
C ASN A 13 15.98 25.93 19.23
N PRO A 14 15.90 26.77 20.27
CA PRO A 14 15.32 26.34 21.55
C PRO A 14 13.88 25.83 21.52
N ILE A 15 13.00 26.50 20.79
CA ILE A 15 11.60 26.08 20.72
C ILE A 15 11.47 24.66 20.15
N GLN A 16 12.08 24.43 19.00
CA GLN A 16 12.04 23.14 18.33
C GLN A 16 12.51 22.02 19.25
N ALA A 17 13.68 22.19 19.85
CA ALA A 17 14.26 21.20 20.74
C ALA A 17 13.42 21.00 21.99
N GLU A 18 12.69 22.03 22.39
CA GLU A 18 11.86 21.93 23.57
C GLU A 18 10.62 21.06 23.32
N VAL A 19 9.93 21.32 22.22
CA VAL A 19 8.73 20.54 21.88
C VAL A 19 9.10 19.09 21.61
N LEU A 20 10.26 18.88 20.99
CA LEU A 20 10.73 17.54 20.68
C LEU A 20 10.98 16.76 21.96
N LYS A 21 11.68 17.39 22.91
CA LYS A 21 11.97 16.72 24.16
C LYS A 21 10.66 16.38 24.89
N ARG A 22 9.69 17.28 24.77
CA ARG A 22 8.38 17.08 25.39
C ARG A 22 7.67 15.92 24.70
N VAL A 23 7.67 15.92 23.37
CA VAL A 23 7.03 14.86 22.60
C VAL A 23 7.66 13.50 22.87
N ALA A 24 8.99 13.47 22.97
CA ALA A 24 9.71 12.22 23.22
C ALA A 24 9.29 11.63 24.56
N GLU A 25 9.09 12.51 25.55
CA GLU A 25 8.69 12.10 26.89
C GLU A 25 7.30 11.47 26.90
N VAL A 26 6.36 12.09 26.21
CA VAL A 26 5.00 11.56 26.16
C VAL A 26 4.97 10.15 25.55
N PHE A 27 5.63 9.97 24.41
CA PHE A 27 5.65 8.67 23.75
C PHE A 27 6.40 7.59 24.51
N ASP A 28 7.44 7.99 25.25
CA ASP A 28 8.23 7.01 26.00
C ASP A 28 7.64 6.55 27.33
N GLN A 29 6.82 7.38 27.97
CA GLN A 29 6.24 7.01 29.26
C GLN A 29 4.74 7.20 29.40
N HIS A 30 4.17 8.14 28.65
CA HIS A 30 2.75 8.39 28.77
C HIS A 30 1.84 7.83 27.69
N VAL A 31 2.21 6.69 27.14
CA VAL A 31 1.40 6.03 26.14
C VAL A 31 1.20 4.61 26.61
N PRO A 32 0.01 4.31 27.16
CA PRO A 32 -0.29 2.97 27.66
C PRO A 32 0.14 1.79 26.79
N PHE A 33 -0.14 1.83 25.50
CA PHE A 33 0.24 0.71 24.64
C PHE A 33 1.75 0.56 24.48
N HIS A 34 2.50 1.65 24.58
CA HIS A 34 3.96 1.57 24.46
C HIS A 34 4.52 0.98 25.73
N ASN A 35 3.86 1.28 26.85
CA ASN A 35 4.29 0.76 28.14
C ASN A 35 3.96 -0.72 28.26
N LEU A 36 2.93 -1.16 27.53
CA LEU A 36 2.55 -2.57 27.58
C LEU A 36 3.55 -3.39 26.77
N LEU A 37 4.01 -2.84 25.66
CA LEU A 37 4.97 -3.52 24.80
C LEU A 37 6.43 -3.30 25.23
N GLY A 38 6.70 -2.13 25.79
CA GLY A 38 8.06 -1.80 26.22
C GLY A 38 8.77 -1.00 25.13
N LEU A 39 7.99 -0.31 24.31
CA LEU A 39 8.53 0.50 23.23
C LEU A 39 9.25 1.74 23.79
N ASP A 40 10.49 1.95 23.38
CA ASP A 40 11.30 3.09 23.86
C ASP A 40 11.78 4.06 22.79
N ILE A 41 11.75 5.35 23.13
CA ILE A 41 12.24 6.38 22.21
C ILE A 41 13.69 6.63 22.65
N LYS A 42 14.61 5.90 22.03
CA LYS A 42 16.03 5.99 22.35
C LYS A 42 16.59 7.40 22.15
N ARG A 43 16.27 8.00 21.02
CA ARG A 43 16.72 9.36 20.70
C ARG A 43 15.72 10.03 19.80
N TYR A 44 15.55 11.34 19.96
CA TYR A 44 14.60 12.09 19.14
C TYR A 44 15.01 13.55 19.01
N ASP A 45 15.47 13.91 17.81
CA ASP A 45 15.92 15.27 17.52
C ASP A 45 15.44 15.69 16.14
N ILE A 46 15.86 16.86 15.67
CA ILE A 46 15.43 17.36 14.36
C ILE A 46 15.86 16.51 13.18
N ASP A 47 16.82 15.61 13.40
CA ASP A 47 17.28 14.73 12.33
C ASP A 47 16.21 13.67 12.07
N GLY A 48 15.74 13.06 13.15
CA GLY A 48 14.73 12.03 13.04
C GLY A 48 14.48 11.35 14.37
N VAL A 49 14.19 10.05 14.34
CA VAL A 49 13.92 9.33 15.56
C VAL A 49 14.48 7.92 15.54
N GLU A 50 14.80 7.42 16.73
CA GLU A 50 15.30 6.07 16.87
C GLU A 50 14.41 5.45 17.92
N VAL A 51 13.74 4.37 17.54
CA VAL A 51 12.85 3.65 18.43
C VAL A 51 13.42 2.26 18.64
N ALA A 52 13.38 1.81 19.89
CA ALA A 52 13.89 0.50 20.24
C ALA A 52 12.89 -0.22 21.14
N ILE A 53 12.93 -1.54 21.07
CA ILE A 53 12.05 -2.39 21.86
C ILE A 53 12.76 -3.71 22.05
N ASN A 54 12.95 -4.10 23.31
CA ASN A 54 13.63 -5.36 23.59
C ASN A 54 12.65 -6.49 23.42
N LYS A 56 10.78 -9.77 24.40
CA LYS A 56 10.32 -10.36 25.65
C LYS A 56 9.28 -11.40 25.26
N PRO A 57 9.13 -12.45 26.06
CA PRO A 57 8.16 -13.51 25.77
C PRO A 57 6.79 -13.06 25.29
N GLU A 58 6.23 -12.02 25.91
CA GLU A 58 4.90 -11.52 25.53
C GLU A 58 4.77 -10.98 24.11
N LEU A 59 5.89 -10.74 23.44
CA LEU A 59 5.88 -10.19 22.08
C LEU A 59 6.03 -11.21 20.97
N ILE A 60 6.14 -12.49 21.33
CA ILE A 60 6.32 -13.56 20.35
C ILE A 60 5.06 -13.94 19.57
N GLY A 61 5.24 -14.16 18.27
CA GLY A 61 4.13 -14.55 17.43
C GLY A 61 4.10 -16.05 17.23
N ASN A 62 5.23 -16.60 16.77
CA ASN A 62 5.35 -18.04 16.57
C ASN A 62 6.30 -18.61 17.61
N ILE A 63 5.78 -19.46 18.49
CA ILE A 63 6.55 -20.07 19.55
C ILE A 63 7.76 -20.88 19.05
N HIS A 64 7.54 -21.70 18.04
CA HIS A 64 8.62 -22.53 17.49
C HIS A 64 9.77 -21.72 16.91
N GLN A 65 9.44 -20.78 16.01
CA GLN A 65 10.45 -19.95 15.35
C GLN A 65 10.98 -18.81 16.24
N GLN A 66 10.31 -18.57 17.36
CA GLN A 66 10.71 -17.48 18.25
C GLN A 66 10.82 -16.17 17.49
N ILE A 67 9.81 -15.87 16.68
CA ILE A 67 9.82 -14.63 15.92
C ILE A 67 8.86 -13.61 16.52
N LEU A 68 9.19 -12.35 16.32
CA LEU A 68 8.38 -11.25 16.81
C LEU A 68 7.04 -11.29 16.06
N HIS A 69 5.96 -10.96 16.75
CA HIS A 69 4.64 -10.95 16.11
C HIS A 69 4.55 -9.77 15.14
N GLY A 70 4.09 -10.04 13.93
CA GLY A 70 3.98 -8.99 12.92
C GLY A 70 3.29 -7.72 13.39
N GLY A 71 2.39 -7.85 14.37
CA GLY A 71 1.69 -6.69 14.89
C GLY A 71 2.64 -5.74 15.61
N VAL A 72 3.66 -6.29 16.24
CA VAL A 72 4.64 -5.48 16.95
C VAL A 72 5.46 -4.72 15.92
N THR A 73 5.89 -5.43 14.89
CA THR A 73 6.69 -4.81 13.84
C THR A 73 5.90 -3.63 13.24
N ALA A 74 4.61 -3.85 12.97
CA ALA A 74 3.76 -2.81 12.41
C ALA A 74 3.59 -1.65 13.40
N THR A 75 3.49 -1.97 14.69
CA THR A 75 3.33 -0.94 15.73
C THR A 75 4.55 -0.02 15.75
N VAL A 76 5.74 -0.63 15.76
CA VAL A 76 6.99 0.15 15.79
C VAL A 76 7.17 1.01 14.54
N LEU A 77 6.92 0.42 13.38
CA LEU A 77 7.08 1.18 12.14
C LEU A 77 6.15 2.38 12.06
N ASP A 78 4.92 2.23 12.56
CA ASP A 78 3.94 3.34 12.54
C ASP A 78 4.36 4.47 13.46
N VAL A 79 4.82 4.12 14.65
CA VAL A 79 5.28 5.10 15.63
C VAL A 79 6.52 5.84 15.13
N VAL A 80 7.45 5.10 14.53
CA VAL A 80 8.65 5.72 13.96
C VAL A 80 8.20 6.70 12.90
N GLY A 81 7.26 6.28 12.07
CA GLY A 81 6.77 7.14 11.00
C GLY A 81 6.10 8.42 11.48
N GLY A 82 5.31 8.31 12.55
CA GLY A 82 4.63 9.47 13.08
C GLY A 82 5.61 10.49 13.65
N LEU A 83 6.55 10.02 14.44
CA LEU A 83 7.56 10.89 15.04
C LEU A 83 8.48 11.49 13.96
N THR A 84 8.76 10.73 12.91
CA THR A 84 9.59 11.19 11.81
C THR A 84 8.85 12.31 11.09
N ALA A 85 7.56 12.10 10.90
CA ALA A 85 6.72 13.09 10.22
C ALA A 85 6.68 14.38 11.03
N PHE A 86 6.47 14.27 12.34
CA PHE A 86 6.38 15.44 13.21
C PHE A 86 7.71 16.21 13.29
N ALA A 87 8.83 15.50 13.30
CA ALA A 87 10.14 16.14 13.36
C ALA A 87 10.36 16.93 12.06
N GLY A 88 9.95 16.35 10.94
CA GLY A 88 10.10 17.03 9.66
C GLY A 88 9.25 18.29 9.59
N LEU A 89 8.16 18.31 10.34
CA LEU A 89 7.27 19.45 10.38
C LEU A 89 7.92 20.53 11.25
N VAL A 90 8.42 20.12 12.42
CA VAL A 90 9.09 21.03 13.34
C VAL A 90 10.29 21.73 12.72
N ALA A 91 11.04 21.01 11.89
CA ALA A 91 12.23 21.57 11.26
C ALA A 91 11.94 22.39 10.00
N SER A 92 10.70 22.40 9.54
CA SER A 92 10.35 23.13 8.33
C SER A 92 10.15 24.64 8.51
N ARG A 93 10.06 25.10 9.75
CA ARG A 93 9.84 26.52 10.00
C ARG A 93 10.54 27.06 11.23
N ASP A 94 10.67 28.39 11.30
CA ASP A 94 11.31 29.07 12.43
C ASP A 94 10.29 29.86 13.23
N ASP A 95 9.20 30.25 12.57
CA ASP A 95 8.14 31.03 13.20
C ASP A 95 7.29 30.18 14.15
N TRP A 96 7.68 28.93 14.35
CA TRP A 96 6.94 28.04 15.24
C TRP A 96 6.86 28.55 16.67
N THR A 97 5.65 28.71 17.19
CA THR A 97 5.47 29.14 18.56
C THR A 97 5.12 27.86 19.31
N ILE A 98 5.48 27.79 20.59
CA ILE A 98 5.21 26.59 21.38
C ILE A 98 3.85 25.95 21.17
N GLU A 99 2.77 26.68 21.43
CA GLU A 99 1.43 26.13 21.28
C GLU A 99 1.05 25.88 19.81
N GLU A 100 1.69 26.64 18.92
CA GLU A 100 1.44 26.51 17.49
C GLU A 100 1.86 25.10 17.05
N LEU A 101 2.85 24.54 17.73
CA LEU A 101 3.32 23.20 17.43
C LEU A 101 2.58 22.17 18.28
N GLN A 102 2.09 22.61 19.43
CA GLN A 102 1.35 21.70 20.30
C GLN A 102 -0.03 21.44 19.71
N GLN A 103 -0.56 22.41 18.97
CA GLN A 103 -1.84 22.26 18.31
C GLN A 103 -1.62 21.29 17.15
N ARG A 104 -0.41 21.35 16.59
CA ARG A 104 -0.04 20.48 15.49
C ARG A 104 0.01 19.03 15.99
N LEU A 105 0.63 18.84 17.14
CA LEU A 105 0.77 17.51 17.70
C LEU A 105 -0.59 16.86 17.93
N GLN A 106 -1.61 17.68 18.19
CA GLN A 106 -2.95 17.16 18.42
C GLN A 106 -3.53 16.59 17.14
N THR A 107 -3.08 17.11 16.01
CA THR A 107 -3.56 16.66 14.71
C THR A 107 -2.77 15.47 14.15
N LEU A 108 -1.56 15.25 14.65
CA LEU A 108 -0.72 14.14 14.18
C LEU A 108 -1.48 12.81 14.18
N GLY A 109 -1.45 12.11 13.05
CA GLY A 109 -2.11 10.82 12.94
C GLY A 109 -1.74 10.10 11.66
N THR A 110 -1.96 8.79 11.63
CA THR A 110 -1.64 7.98 10.46
C THR A 110 -2.86 7.90 9.55
N ILE A 111 -2.70 8.15 8.25
CA ILE A 111 -3.79 8.06 7.29
C ILE A 111 -3.75 6.64 6.75
N ASP A 112 -2.60 6.25 6.19
CA ASP A 112 -2.43 4.90 5.68
C ASP A 112 -0.98 4.47 5.90
N ARG A 114 1.83 1.01 4.74
CA ARG A 114 2.14 -0.25 4.09
C ARG A 114 3.37 -0.83 4.76
N VAL A 115 3.27 -2.08 5.16
CA VAL A 115 4.40 -2.74 5.77
C VAL A 115 4.83 -3.88 4.87
N ASP A 116 6.12 -3.97 4.61
CA ASP A 116 6.67 -5.06 3.80
C ASP A 116 7.51 -5.93 4.75
N TYR A 117 7.05 -7.16 4.96
CA TYR A 117 7.73 -8.12 5.82
C TYR A 117 8.80 -8.84 5.00
N LEU A 118 10.05 -8.50 5.26
CA LEU A 118 11.17 -9.05 4.50
C LEU A 118 11.61 -10.45 4.92
N ARG A 119 11.69 -10.69 6.22
CA ARG A 119 12.12 -11.99 6.75
C ARG A 119 11.76 -12.10 8.22
N PRO A 120 11.72 -13.32 8.77
CA PRO A 120 11.37 -13.57 10.18
C PRO A 120 11.97 -12.63 11.20
N GLY A 121 11.12 -12.17 12.11
CA GLY A 121 11.56 -11.25 13.15
C GLY A 121 12.32 -11.90 14.29
N ARG A 122 13.57 -12.30 14.05
CA ARG A 122 14.37 -12.90 15.10
C ARG A 122 15.31 -11.81 15.60
N GLY A 123 15.67 -11.87 16.88
CA GLY A 123 16.56 -10.86 17.45
C GLY A 123 16.33 -10.62 18.93
N GLN A 124 17.28 -9.94 19.57
CA GLN A 124 17.18 -9.66 20.99
C GLN A 124 16.63 -8.27 21.22
N ILE A 125 17.08 -7.33 20.40
CA ILE A 125 16.64 -5.94 20.48
C ILE A 125 16.32 -5.44 19.08
N PHE A 126 15.12 -4.91 18.90
CA PHE A 126 14.71 -4.39 17.61
C PHE A 126 14.76 -2.87 17.60
N THR A 127 15.33 -2.31 16.54
CA THR A 127 15.49 -0.87 16.40
C THR A 127 14.86 -0.35 15.12
N GLY A 128 14.18 0.79 15.22
CA GLY A 128 13.54 1.38 14.06
C GLY A 128 13.90 2.83 13.78
N THR A 129 14.09 3.15 12.51
CA THR A 129 14.41 4.50 12.08
C THR A 129 13.58 4.81 10.86
N GLY A 130 13.53 6.07 10.47
CA GLY A 130 12.76 6.44 9.30
C GLY A 130 13.24 7.74 8.71
N SER A 131 12.54 8.22 7.68
CA SER A 131 12.88 9.47 7.03
C SER A 131 11.66 9.95 6.26
N VAL A 132 11.65 11.25 5.99
CA VAL A 132 10.57 11.90 5.28
C VAL A 132 10.88 11.86 3.80
N ILE A 133 9.97 11.34 2.98
CA ILE A 133 10.22 11.31 1.55
C ILE A 133 9.39 12.38 0.85
N ARG A 134 8.44 12.93 1.58
CA ARG A 134 7.60 14.01 1.09
C ARG A 134 7.15 14.82 2.29
N ALA A 135 7.67 16.03 2.43
CA ALA A 135 7.33 16.89 3.55
C ALA A 135 6.22 17.84 3.17
N GLY A 136 5.25 18.05 4.07
CA GLY A 136 4.16 18.95 3.76
C GLY A 136 3.63 19.73 4.95
N ASN A 137 2.78 20.71 4.70
CA ASN A 137 2.22 21.49 5.79
C ASN A 137 0.98 20.81 6.35
N ARG A 138 0.43 19.85 5.62
CA ARG A 138 -0.74 19.15 6.13
C ARG A 138 -0.61 17.63 6.01
N VAL A 139 0.16 17.16 5.05
CA VAL A 139 0.37 15.73 4.84
C VAL A 139 1.82 15.41 4.50
N SER A 140 2.39 14.41 5.18
CA SER A 140 3.75 13.97 4.95
C SER A 140 3.81 12.46 4.74
N VAL A 141 4.69 12.03 3.84
CA VAL A 141 4.88 10.60 3.58
C VAL A 141 6.27 10.23 4.08
N CYS A 142 6.37 9.09 4.76
CA CYS A 142 7.63 8.64 5.32
C CYS A 142 7.96 7.17 5.02
N ARG A 143 9.24 6.85 5.12
CA ARG A 143 9.72 5.48 4.95
C ARG A 143 10.27 5.04 6.31
N GLU A 145 11.97 1.69 8.81
CA GLU A 145 12.77 0.49 8.72
C GLU A 145 12.99 -0.08 10.11
N LEU A 146 12.87 -1.40 10.21
CA LEU A 146 13.10 -2.11 11.47
C LEU A 146 14.19 -3.16 11.26
N HIS A 147 15.17 -3.18 12.16
CA HIS A 147 16.25 -4.15 12.09
C HIS A 147 16.50 -4.70 13.50
N ASN A 148 17.27 -5.77 13.63
CA ASN A 148 17.56 -6.33 14.96
C ASN A 148 18.95 -5.86 15.38
N GLU A 149 19.44 -6.34 16.53
CA GLU A 149 20.73 -5.87 17.05
C GLU A 149 21.97 -6.17 16.20
N GLN A 150 21.82 -7.09 15.24
CA GLN A 150 22.93 -7.44 14.36
C GLN A 150 22.86 -6.59 13.09
N GLY A 151 21.81 -5.79 12.97
CA GLY A 151 21.65 -4.93 11.81
C GLY A 151 20.77 -5.53 10.72
N THR A 152 20.37 -6.78 10.88
CA THR A 152 19.54 -7.45 9.87
C THR A 152 18.17 -6.80 9.71
N HIS A 153 17.83 -6.40 8.49
CA HIS A 153 16.54 -5.76 8.24
C HIS A 153 15.41 -6.77 8.39
N ILE A 154 14.41 -6.39 9.18
CA ILE A 154 13.27 -7.25 9.46
C ILE A 154 12.10 -6.87 8.57
N ALA A 155 11.80 -5.58 8.52
CA ALA A 155 10.70 -5.08 7.71
C ALA A 155 10.90 -3.62 7.34
N PHE A 156 10.25 -3.21 6.26
CA PHE A 156 10.29 -1.82 5.81
C PHE A 156 8.86 -1.33 5.85
N GLY A 157 8.71 -0.02 5.99
CA GLY A 157 7.37 0.56 6.01
C GLY A 157 7.34 1.86 5.22
N THR A 158 6.12 2.32 4.92
CA THR A 158 5.91 3.58 4.24
C THR A 158 4.60 4.10 4.84
N GLY A 159 4.63 5.30 5.41
CA GLY A 159 3.42 5.85 5.99
C GLY A 159 3.04 7.25 5.52
N THR A 160 1.75 7.51 5.44
CA THR A 160 1.24 8.81 5.05
C THR A 160 0.63 9.37 6.32
N TYR A 161 1.14 10.52 6.76
CA TYR A 161 0.68 11.12 7.99
C TYR A 161 0.06 12.50 7.85
N VAL A 163 -0.26 16.07 9.33
CA VAL A 163 0.54 16.92 10.22
C VAL A 163 -0.04 18.32 10.36
N GLY A 164 -1.22 18.53 9.76
CA GLY A 164 -1.89 19.80 9.82
C GLY A 164 -3.34 19.68 9.37
N SER B 12 27.68 -12.70 -15.76
CA SER B 12 26.63 -13.73 -15.98
C SER B 12 27.05 -14.75 -17.03
N ASN B 13 26.60 -15.99 -16.86
CA ASN B 13 26.93 -17.05 -17.81
C ASN B 13 26.16 -16.85 -19.12
N PRO B 14 26.42 -17.68 -20.14
CA PRO B 14 25.71 -17.51 -21.40
C PRO B 14 24.19 -17.48 -21.25
N ILE B 15 23.63 -18.50 -20.58
CA ILE B 15 22.19 -18.59 -20.38
C ILE B 15 21.60 -17.31 -19.78
N GLN B 16 22.13 -16.89 -18.64
CA GLN B 16 21.67 -15.68 -17.96
C GLN B 16 21.74 -14.46 -18.87
N ALA B 17 22.87 -14.29 -19.54
CA ALA B 17 23.07 -13.15 -20.43
C ALA B 17 22.09 -13.14 -21.59
N GLU B 18 21.93 -14.30 -22.24
CA GLU B 18 21.03 -14.42 -23.40
C GLU B 18 19.56 -14.17 -23.04
N VAL B 19 19.11 -14.74 -21.93
CA VAL B 19 17.73 -14.56 -21.50
C VAL B 19 17.44 -13.06 -21.30
N LEU B 20 18.34 -12.39 -20.59
CA LEU B 20 18.20 -10.97 -20.30
C LEU B 20 18.18 -10.11 -21.57
N LYS B 21 19.01 -10.46 -22.55
CA LYS B 21 19.08 -9.71 -23.80
C LYS B 21 17.74 -9.86 -24.55
N ARG B 22 17.22 -11.08 -24.52
CA ARG B 22 15.94 -11.38 -25.17
C ARG B 22 14.78 -10.66 -24.50
N VAL B 23 14.67 -10.79 -23.18
CA VAL B 23 13.59 -10.15 -22.45
C VAL B 23 13.63 -8.63 -22.67
N ALA B 24 14.83 -8.07 -22.69
CA ALA B 24 15.02 -6.63 -22.88
C ALA B 24 14.46 -6.09 -24.20
N GLU B 25 14.64 -6.84 -25.29
CA GLU B 25 14.13 -6.39 -26.58
C GLU B 25 12.63 -6.64 -26.70
N VAL B 26 12.13 -7.58 -25.93
CA VAL B 26 10.71 -7.88 -25.94
C VAL B 26 9.98 -6.70 -25.32
N PHE B 27 10.47 -6.26 -24.17
CA PHE B 27 9.87 -5.13 -23.46
C PHE B 27 10.11 -3.78 -24.14
N ASP B 28 11.23 -3.66 -24.84
CA ASP B 28 11.57 -2.42 -25.52
C ASP B 28 10.99 -2.26 -26.93
N GLN B 29 10.57 -3.35 -27.57
CA GLN B 29 10.05 -3.26 -28.92
C GLN B 29 8.72 -3.95 -29.22
N HIS B 30 8.42 -5.03 -28.51
CA HIS B 30 7.20 -5.78 -28.78
C HIS B 30 6.07 -5.71 -27.75
N VAL B 31 5.95 -4.58 -27.06
CA VAL B 31 4.89 -4.41 -26.08
C VAL B 31 4.09 -3.19 -26.54
N PRO B 32 2.89 -3.43 -27.10
CA PRO B 32 2.02 -2.37 -27.60
C PRO B 32 1.89 -1.12 -26.71
N PHE B 33 1.60 -1.31 -25.42
CA PHE B 33 1.45 -0.15 -24.55
C PHE B 33 2.77 0.60 -24.38
N HIS B 34 3.89 -0.12 -24.41
CA HIS B 34 5.17 0.55 -24.26
C HIS B 34 5.43 1.39 -25.52
N ASN B 35 5.05 0.86 -26.67
CA ASN B 35 5.27 1.61 -27.90
C ASN B 35 4.34 2.82 -27.92
N LEU B 36 3.13 2.67 -27.41
CA LEU B 36 2.18 3.79 -27.38
C LEU B 36 2.72 4.98 -26.58
N LEU B 37 3.41 4.70 -25.47
CA LEU B 37 3.97 5.76 -24.61
C LEU B 37 5.42 6.15 -24.91
N GLY B 38 6.18 5.26 -25.52
CA GLY B 38 7.58 5.56 -25.78
C GLY B 38 8.46 5.09 -24.62
N LEU B 39 8.02 4.04 -23.93
CA LEU B 39 8.78 3.50 -22.81
C LEU B 39 9.93 2.64 -23.34
N ASP B 40 11.15 2.99 -22.98
CA ASP B 40 12.33 2.26 -23.44
C ASP B 40 13.15 1.62 -22.30
N ILE B 41 13.74 0.47 -22.59
CA ILE B 41 14.60 -0.20 -21.63
C ILE B 41 16.00 0.25 -22.01
N LYS B 42 16.51 1.24 -21.29
CA LYS B 42 17.82 1.79 -21.56
C LYS B 42 18.96 0.81 -21.24
N ARG B 43 18.82 0.10 -20.13
CA ARG B 43 19.83 -0.85 -19.68
C ARG B 43 19.18 -2.02 -18.95
N TYR B 44 19.61 -3.23 -19.25
CA TYR B 44 19.06 -4.40 -18.56
C TYR B 44 20.08 -5.52 -18.45
N ASP B 45 20.59 -5.73 -17.24
CA ASP B 45 21.56 -6.79 -17.02
C ASP B 45 21.30 -7.50 -15.71
N ILE B 46 22.16 -8.44 -15.37
CA ILE B 46 22.02 -9.24 -14.14
C ILE B 46 21.95 -8.39 -12.87
N ASP B 47 22.39 -7.13 -12.96
CA ASP B 47 22.40 -6.21 -11.82
C ASP B 47 21.11 -5.40 -11.67
N GLY B 48 20.32 -5.32 -12.73
CA GLY B 48 19.08 -4.56 -12.66
C GLY B 48 18.68 -3.92 -13.97
N VAL B 49 17.70 -3.01 -13.89
CA VAL B 49 17.22 -2.37 -15.09
C VAL B 49 17.24 -0.85 -15.00
N GLU B 50 17.08 -0.21 -16.14
CA GLU B 50 17.00 1.22 -16.25
C GLU B 50 15.98 1.46 -17.34
N VAL B 51 14.89 2.12 -16.99
CA VAL B 51 13.85 2.41 -17.95
C VAL B 51 13.80 3.93 -18.14
N ALA B 52 13.74 4.36 -19.40
CA ALA B 52 13.69 5.79 -19.71
C ALA B 52 12.48 6.06 -20.58
N ILE B 53 11.91 7.24 -20.40
CA ILE B 53 10.74 7.62 -21.16
C ILE B 53 10.85 9.13 -21.39
N ASN B 54 10.80 9.54 -22.64
CA ASN B 54 10.89 10.97 -22.96
C ASN B 54 9.53 11.62 -22.84
N LYS B 56 6.47 13.93 -23.72
CA LYS B 56 5.86 14.22 -25.00
C LYS B 56 4.45 14.65 -24.65
N PRO B 57 3.85 15.54 -25.45
CA PRO B 57 2.50 16.05 -25.22
C PRO B 57 1.42 15.05 -24.81
N GLU B 58 1.37 13.88 -25.45
CA GLU B 58 0.36 12.89 -25.13
C GLU B 58 0.44 12.29 -23.73
N LEU B 59 1.54 12.52 -23.02
CA LEU B 59 1.72 11.95 -21.69
C LEU B 59 1.37 12.93 -20.58
N ILE B 60 1.04 14.17 -20.97
CA ILE B 60 0.67 15.20 -20.02
C ILE B 60 -0.63 14.88 -19.29
N GLY B 61 -0.68 15.21 -18.00
CA GLY B 61 -1.87 14.95 -17.19
C GLY B 61 -2.66 16.21 -16.91
N ASN B 62 -1.96 17.32 -16.77
CA ASN B 62 -2.57 18.62 -16.51
C ASN B 62 -1.80 19.59 -17.39
N ILE B 63 -2.48 20.20 -18.37
CA ILE B 63 -1.81 21.12 -19.28
C ILE B 63 -1.19 22.35 -18.64
N HIS B 64 -1.87 22.95 -17.67
CA HIS B 64 -1.33 24.15 -17.03
C HIS B 64 0.01 23.96 -16.34
N GLN B 65 0.15 22.87 -15.58
CA GLN B 65 1.40 22.61 -14.87
C GLN B 65 2.38 21.80 -15.69
N GLN B 66 1.92 21.32 -16.84
CA GLN B 66 2.78 20.57 -17.73
C GLN B 66 3.46 19.42 -16.98
N ILE B 67 2.68 18.66 -16.22
CA ILE B 67 3.25 17.55 -15.47
C ILE B 67 2.79 16.19 -15.99
N LEU B 68 3.61 15.20 -15.74
CA LEU B 68 3.35 13.83 -16.15
C LEU B 68 2.06 13.33 -15.49
N HIS B 69 1.24 12.59 -16.24
CA HIS B 69 0.02 12.03 -15.70
C HIS B 69 0.45 10.91 -14.73
N GLY B 70 -0.16 10.88 -13.54
CA GLY B 70 0.18 9.87 -12.56
C GLY B 70 0.15 8.45 -13.11
N GLY B 71 -0.61 8.25 -14.18
CA GLY B 71 -0.71 6.94 -14.79
C GLY B 71 0.59 6.50 -15.40
N VAL B 72 1.25 7.38 -16.16
CA VAL B 72 2.53 7.06 -16.78
C VAL B 72 3.52 6.65 -15.71
N THR B 73 3.61 7.48 -14.67
CA THR B 73 4.52 7.21 -13.56
C THR B 73 4.29 5.78 -13.00
N ALA B 74 3.04 5.45 -12.70
CA ALA B 74 2.70 4.13 -12.17
C ALA B 74 3.14 3.03 -13.13
N THR B 75 2.88 3.24 -14.42
CA THR B 75 3.24 2.28 -15.46
C THR B 75 4.75 2.05 -15.48
N VAL B 76 5.52 3.13 -15.47
CA VAL B 76 6.97 3.01 -15.49
C VAL B 76 7.48 2.27 -14.23
N LEU B 77 7.02 2.68 -13.05
CA LEU B 77 7.41 2.04 -11.80
C LEU B 77 7.09 0.54 -11.81
N ASP B 78 5.92 0.19 -12.29
CA ASP B 78 5.49 -1.20 -12.36
C ASP B 78 6.40 -2.04 -13.27
N VAL B 79 6.71 -1.51 -14.45
CA VAL B 79 7.58 -2.22 -15.38
C VAL B 79 8.98 -2.36 -14.78
N VAL B 80 9.46 -1.31 -14.12
CA VAL B 80 10.77 -1.37 -13.51
C VAL B 80 10.78 -2.49 -12.47
N GLY B 81 9.71 -2.59 -11.69
CA GLY B 81 9.65 -3.61 -10.66
C GLY B 81 9.63 -5.02 -11.20
N GLY B 82 8.80 -5.24 -12.22
CA GLY B 82 8.72 -6.55 -12.84
C GLY B 82 10.07 -7.01 -13.35
N LEU B 83 10.73 -6.15 -14.11
CA LEU B 83 12.04 -6.48 -14.67
C LEU B 83 13.10 -6.64 -13.59
N THR B 84 13.02 -5.83 -12.55
CA THR B 84 13.97 -5.91 -11.45
C THR B 84 13.80 -7.25 -10.75
N ALA B 85 12.55 -7.65 -10.56
CA ALA B 85 12.24 -8.92 -9.92
C ALA B 85 12.68 -10.10 -10.79
N PHE B 86 12.52 -9.96 -12.11
CA PHE B 86 12.93 -11.04 -13.01
C PHE B 86 14.45 -11.14 -13.04
N ALA B 87 15.14 -10.00 -13.08
CA ALA B 87 16.60 -10.00 -13.11
C ALA B 87 17.12 -10.68 -11.85
N GLY B 88 16.52 -10.36 -10.71
CA GLY B 88 16.95 -10.96 -9.46
C GLY B 88 16.73 -12.47 -9.47
N LEU B 89 15.63 -12.90 -10.08
CA LEU B 89 15.31 -14.32 -10.17
C LEU B 89 16.40 -15.02 -10.99
N VAL B 90 16.69 -14.46 -12.16
CA VAL B 90 17.72 -15.03 -13.02
C VAL B 90 19.07 -15.10 -12.33
N ALA B 91 19.37 -14.08 -11.53
CA ALA B 91 20.64 -14.01 -10.81
C ALA B 91 20.73 -14.93 -9.59
N SER B 92 19.58 -15.36 -9.09
CA SER B 92 19.53 -16.21 -7.89
C SER B 92 19.98 -17.67 -8.08
N ARG B 93 20.00 -18.18 -9.32
CA ARG B 93 20.41 -19.58 -9.52
C ARG B 93 21.48 -19.76 -10.59
N ASP B 94 22.38 -20.71 -10.37
CA ASP B 94 23.43 -20.99 -11.34
C ASP B 94 22.99 -22.13 -12.26
N ASP B 95 21.80 -22.69 -12.04
CA ASP B 95 21.34 -23.81 -12.86
C ASP B 95 20.01 -23.64 -13.61
N TRP B 96 19.70 -22.43 -14.05
CA TRP B 96 18.47 -22.21 -14.82
C TRP B 96 18.70 -22.76 -16.22
N THR B 97 17.62 -23.06 -16.93
CA THR B 97 17.68 -23.52 -18.32
C THR B 97 16.87 -22.48 -19.09
N ILE B 98 17.05 -22.41 -20.40
CA ILE B 98 16.32 -21.44 -21.19
C ILE B 98 14.81 -21.67 -21.09
N GLU B 99 14.40 -22.93 -21.11
CA GLU B 99 12.98 -23.27 -21.05
C GLU B 99 12.29 -22.94 -19.75
N GLU B 100 12.98 -23.13 -18.62
CA GLU B 100 12.39 -22.82 -17.32
C GLU B 100 12.24 -21.31 -17.16
N LEU B 101 13.25 -20.55 -17.56
CA LEU B 101 13.21 -19.10 -17.45
C LEU B 101 12.20 -18.50 -18.42
N GLN B 102 11.97 -19.19 -19.53
CA GLN B 102 11.01 -18.69 -20.52
C GLN B 102 9.61 -18.90 -19.96
N GLN B 103 9.47 -19.93 -19.14
CA GLN B 103 8.20 -20.24 -18.51
C GLN B 103 7.98 -19.24 -17.37
N ARG B 104 9.08 -18.79 -16.76
CA ARG B 104 9.00 -17.82 -15.68
C ARG B 104 8.57 -16.47 -16.21
N LEU B 105 9.11 -16.10 -17.37
CA LEU B 105 8.79 -14.83 -17.99
C LEU B 105 7.29 -14.74 -18.31
N GLN B 106 6.65 -15.88 -18.53
CA GLN B 106 5.22 -15.87 -18.82
C GLN B 106 4.37 -15.77 -17.56
N THR B 107 4.88 -16.32 -16.46
CA THR B 107 4.16 -16.25 -15.21
C THR B 107 4.42 -14.92 -14.50
N LEU B 108 5.51 -14.25 -14.87
CA LEU B 108 5.89 -12.97 -14.27
C LEU B 108 4.71 -12.00 -14.27
N GLY B 109 4.39 -11.47 -13.10
CA GLY B 109 3.27 -10.55 -13.01
C GLY B 109 3.20 -9.79 -11.69
N THR B 110 2.44 -8.71 -11.70
CA THR B 110 2.31 -7.88 -10.50
C THR B 110 1.13 -8.33 -9.65
N ILE B 111 1.39 -8.60 -8.38
CA ILE B 111 0.33 -9.00 -7.45
C ILE B 111 -0.26 -7.72 -6.82
N ASP B 112 0.59 -6.88 -6.24
CA ASP B 112 0.13 -5.61 -5.70
C ASP B 112 1.26 -4.59 -5.83
N ARG B 114 2.35 -0.28 -4.67
CA ARG B 114 2.04 0.99 -4.03
C ARG B 114 2.93 2.06 -4.68
N VAL B 115 2.32 3.16 -5.08
CA VAL B 115 3.08 4.24 -5.68
C VAL B 115 2.97 5.42 -4.72
N ASP B 116 4.10 6.06 -4.43
CA ASP B 116 4.12 7.23 -3.55
C ASP B 116 4.56 8.42 -4.40
N TYR B 117 3.63 9.33 -4.64
CA TYR B 117 3.91 10.51 -5.46
C TYR B 117 4.54 11.58 -4.59
N LEU B 118 5.83 11.83 -4.82
CA LEU B 118 6.60 12.79 -4.02
C LEU B 118 6.56 14.25 -4.46
N ARG B 119 6.76 14.50 -5.76
CA ARG B 119 6.79 15.84 -6.32
C ARG B 119 6.12 15.89 -7.69
N PRO B 120 5.78 17.10 -8.17
CA PRO B 120 5.12 17.23 -9.49
C PRO B 120 6.02 16.64 -10.58
N GLY B 121 5.43 15.87 -11.47
CA GLY B 121 6.18 15.23 -12.53
C GLY B 121 6.65 16.09 -13.69
N ARG B 122 7.54 17.05 -13.40
CA ARG B 122 8.06 17.91 -14.47
C ARG B 122 9.41 17.39 -14.95
N GLY B 123 9.60 17.37 -16.26
CA GLY B 123 10.86 16.89 -16.81
C GLY B 123 10.80 16.66 -18.31
N GLN B 124 11.97 16.44 -18.90
CA GLN B 124 12.10 16.20 -20.32
C GLN B 124 12.26 14.70 -20.56
N ILE B 125 13.06 14.07 -19.71
CA ILE B 125 13.32 12.65 -19.80
C ILE B 125 13.18 12.08 -18.40
N PHE B 126 12.45 10.98 -18.27
CA PHE B 126 12.25 10.36 -16.96
C PHE B 126 12.92 8.99 -16.91
N THR B 127 13.64 8.73 -15.81
CA THR B 127 14.34 7.46 -15.65
C THR B 127 13.96 6.68 -14.38
N GLY B 128 13.69 5.39 -14.57
CA GLY B 128 13.33 4.54 -13.44
C GLY B 128 14.30 3.39 -13.21
N THR B 129 14.56 3.09 -11.94
CA THR B 129 15.46 2.01 -11.54
C THR B 129 14.86 1.35 -10.30
N GLY B 130 15.33 0.16 -9.96
CA GLY B 130 14.82 -0.55 -8.80
C GLY B 130 15.76 -1.55 -8.16
N SER B 131 15.31 -2.16 -7.07
CA SER B 131 16.11 -3.15 -6.37
C SER B 131 15.21 -4.14 -5.65
N VAL B 132 15.71 -5.36 -5.47
CA VAL B 132 14.93 -6.40 -4.81
C VAL B 132 15.09 -6.28 -3.29
N ILE B 133 14.00 -6.12 -2.56
CA ILE B 133 14.12 -6.03 -1.11
C ILE B 133 13.78 -7.39 -0.48
N ARG B 134 13.10 -8.25 -1.23
CA ARG B 134 12.77 -9.60 -0.76
C ARG B 134 12.75 -10.53 -1.98
N ALA B 135 13.70 -11.47 -2.02
CA ALA B 135 13.79 -12.37 -3.15
C ALA B 135 13.19 -13.74 -2.84
N GLY B 136 12.39 -14.23 -3.77
CA GLY B 136 11.75 -15.53 -3.60
C GLY B 136 11.77 -16.32 -4.89
N ASN B 137 11.43 -17.61 -4.80
CA ASN B 137 11.40 -18.49 -5.96
C ASN B 137 10.00 -18.38 -6.56
N ARG B 138 9.05 -17.90 -5.76
CA ARG B 138 7.68 -17.74 -6.22
C ARG B 138 7.22 -16.27 -6.12
N VAL B 139 7.64 -15.59 -5.06
CA VAL B 139 7.26 -14.21 -4.85
C VAL B 139 8.45 -13.33 -4.47
N SER B 140 8.55 -12.18 -5.12
CA SER B 140 9.60 -11.21 -4.85
C SER B 140 8.98 -9.85 -4.66
N VAL B 141 9.59 -9.04 -3.81
CA VAL B 141 9.14 -7.69 -3.53
C VAL B 141 10.25 -6.74 -3.95
N CYS B 142 9.87 -5.70 -4.68
CA CYS B 142 10.84 -4.73 -5.18
C CYS B 142 10.52 -3.29 -4.81
N ARG B 143 11.55 -2.45 -4.84
CA ARG B 143 11.37 -1.04 -4.57
C ARG B 143 11.76 -0.33 -5.85
N GLU B 145 11.92 3.53 -8.18
CA GLU B 145 12.15 4.97 -8.09
C GLU B 145 12.05 5.60 -9.49
N LEU B 146 11.51 6.81 -9.56
CA LEU B 146 11.42 7.51 -10.85
C LEU B 146 11.97 8.92 -10.66
N HIS B 147 12.83 9.36 -11.58
CA HIS B 147 13.39 10.70 -11.51
C HIS B 147 13.52 11.32 -12.90
N ASN B 148 13.55 12.65 -12.95
CA ASN B 148 13.69 13.34 -14.23
C ASN B 148 15.18 13.50 -14.55
N GLU B 149 15.51 14.14 -15.67
CA GLU B 149 16.91 14.31 -16.05
C GLU B 149 17.72 15.18 -15.11
N GLN B 150 17.06 15.86 -14.18
CA GLN B 150 17.76 16.70 -13.20
C GLN B 150 18.10 15.86 -11.97
N GLY B 151 17.60 14.63 -11.94
CA GLY B 151 17.88 13.75 -10.82
C GLY B 151 16.96 13.88 -9.62
N THR B 152 15.87 14.63 -9.73
CA THR B 152 14.97 14.77 -8.60
C THR B 152 13.94 13.64 -8.62
N HIS B 153 13.70 13.03 -7.47
CA HIS B 153 12.76 11.93 -7.36
C HIS B 153 11.32 12.37 -7.49
N ILE B 154 10.63 11.81 -8.49
CA ILE B 154 9.23 12.12 -8.75
C ILE B 154 8.30 11.21 -7.95
N ALA B 155 8.67 9.94 -7.85
CA ALA B 155 7.85 8.98 -7.14
C ALA B 155 8.62 7.72 -6.75
N PHE B 156 8.15 7.09 -5.68
CA PHE B 156 8.74 5.84 -5.21
C PHE B 156 7.66 4.80 -5.39
N GLY B 157 8.09 3.56 -5.61
CA GLY B 157 7.14 2.49 -5.75
C GLY B 157 7.64 1.27 -4.98
N THR B 158 6.72 0.38 -4.65
CA THR B 158 7.04 -0.86 -3.96
C THR B 158 6.12 -1.87 -4.62
N GLY B 159 6.69 -2.94 -5.18
CA GLY B 159 5.82 -3.92 -5.83
C GLY B 159 6.04 -5.35 -5.40
N THR B 160 4.95 -6.13 -5.39
CA THR B 160 5.00 -7.54 -5.03
C THR B 160 4.73 -8.31 -6.31
N TYR B 161 5.71 -9.07 -6.76
CA TYR B 161 5.60 -9.80 -8.02
C TYR B 161 5.63 -11.31 -7.93
N VAL B 163 6.85 -14.50 -9.39
CA VAL B 163 7.98 -14.80 -10.26
C VAL B 163 8.10 -16.30 -10.49
N GLY B 164 7.15 -17.05 -9.95
CA GLY B 164 7.17 -18.49 -10.12
C GLY B 164 5.86 -19.13 -9.66
N SER C 12 -18.79 -28.41 7.37
CA SER C 12 -18.00 -28.72 6.13
C SER C 12 -17.35 -30.10 6.24
N ASN C 13 -16.50 -30.41 5.27
CA ASN C 13 -15.78 -31.68 5.22
C ASN C 13 -15.17 -32.02 6.59
N PRO C 14 -15.11 -33.31 6.93
CA PRO C 14 -14.54 -33.76 8.21
C PRO C 14 -13.17 -33.18 8.50
N ILE C 15 -12.26 -33.39 7.56
CA ILE C 15 -10.88 -32.92 7.68
C ILE C 15 -10.79 -31.39 7.73
N GLN C 16 -11.49 -30.73 6.80
CA GLN C 16 -11.48 -29.27 6.74
C GLN C 16 -11.96 -28.66 8.05
N ALA C 17 -13.11 -29.12 8.53
CA ALA C 17 -13.67 -28.62 9.78
C ALA C 17 -12.73 -28.94 10.94
N GLU C 18 -12.02 -30.06 10.82
CA GLU C 18 -11.10 -30.49 11.85
C GLU C 18 -9.87 -29.59 11.86
N VAL C 19 -9.34 -29.30 10.67
CA VAL C 19 -8.17 -28.44 10.57
C VAL C 19 -8.48 -27.01 11.01
N LEU C 20 -9.62 -26.48 10.55
CA LEU C 20 -10.02 -25.13 10.90
C LEU C 20 -10.17 -25.02 12.41
N LYS C 21 -10.70 -26.07 13.03
CA LYS C 21 -10.90 -26.10 14.47
C LYS C 21 -9.55 -25.96 15.16
N ARG C 22 -8.61 -26.81 14.74
CA ARG C 22 -7.26 -26.81 15.28
C ARG C 22 -6.62 -25.43 15.16
N VAL C 23 -6.49 -24.95 13.92
CA VAL C 23 -5.87 -23.65 13.66
C VAL C 23 -6.43 -22.54 14.56
N ALA C 24 -7.73 -22.59 14.83
CA ALA C 24 -8.41 -21.59 15.65
C ALA C 24 -7.88 -21.49 17.08
N GLU C 25 -7.82 -22.60 17.80
CA GLU C 25 -7.33 -22.56 19.18
C GLU C 25 -5.88 -22.09 19.19
N VAL C 26 -5.17 -22.36 18.10
CA VAL C 26 -3.77 -21.97 17.96
C VAL C 26 -3.64 -20.46 18.09
N PHE C 27 -4.31 -19.73 17.20
CA PHE C 27 -4.26 -18.28 17.22
C PHE C 27 -4.94 -17.76 18.48
N ASP C 28 -6.02 -18.40 18.86
CA ASP C 28 -6.80 -17.99 20.04
C ASP C 28 -6.06 -18.13 21.38
N GLN C 29 -5.11 -19.06 21.47
CA GLN C 29 -4.40 -19.26 22.75
C GLN C 29 -2.90 -19.55 22.67
N HIS C 30 -2.44 -20.15 21.58
CA HIS C 30 -1.03 -20.49 21.44
C HIS C 30 -0.11 -19.34 20.99
N VAL C 31 -0.63 -18.12 20.96
CA VAL C 31 0.18 -16.97 20.53
C VAL C 31 0.34 -15.95 21.67
N PRO C 32 1.56 -15.86 22.23
CA PRO C 32 1.84 -14.93 23.31
C PRO C 32 1.34 -13.50 23.12
N PHE C 33 1.64 -12.91 21.96
CA PHE C 33 1.21 -11.52 21.74
C PHE C 33 -0.30 -11.37 21.76
N HIS C 34 -1.02 -12.41 21.35
CA HIS C 34 -2.48 -12.35 21.36
C HIS C 34 -3.00 -12.31 22.79
N ASN C 35 -2.35 -13.04 23.70
CA ASN C 35 -2.75 -13.05 25.10
C ASN C 35 -2.42 -11.72 25.77
N LEU C 36 -1.33 -11.09 25.36
CA LEU C 36 -0.95 -9.80 25.95
C LEU C 36 -1.99 -8.74 25.60
N LEU C 37 -2.53 -8.81 24.37
CA LEU C 37 -3.52 -7.84 23.91
C LEU C 37 -4.97 -8.24 24.21
N GLY C 38 -5.22 -9.53 24.36
CA GLY C 38 -6.57 -9.98 24.64
C GLY C 38 -7.30 -10.29 23.35
N LEU C 39 -6.53 -10.52 22.29
CA LEU C 39 -7.08 -10.84 20.98
C LEU C 39 -7.72 -12.21 21.01
N ASP C 40 -8.99 -12.29 20.62
CA ASP C 40 -9.72 -13.55 20.61
C ASP C 40 -10.31 -13.92 19.26
N ILE C 41 -10.30 -15.21 18.95
CA ILE C 41 -10.87 -15.72 17.70
C ILE C 41 -12.32 -16.09 18.03
N LYS C 42 -13.23 -15.13 17.88
CA LYS C 42 -14.64 -15.34 18.19
C LYS C 42 -15.28 -16.51 17.46
N ARG C 43 -14.94 -16.67 16.17
CA ARG C 43 -15.48 -17.76 15.38
C ARG C 43 -14.60 -17.97 14.17
N TYR C 44 -14.54 -19.22 13.69
CA TYR C 44 -13.72 -19.55 12.54
C TYR C 44 -14.27 -20.77 11.81
N ASP C 45 -14.85 -20.54 10.64
CA ASP C 45 -15.40 -21.63 9.85
C ASP C 45 -14.85 -21.54 8.43
N ILE C 46 -15.32 -22.39 7.54
CA ILE C 46 -14.85 -22.40 6.16
C ILE C 46 -15.28 -21.13 5.41
N ASP C 47 -16.22 -20.40 6.00
CA ASP C 47 -16.72 -19.17 5.41
C ASP C 47 -15.83 -17.98 5.70
N GLY C 48 -15.06 -18.07 6.79
CA GLY C 48 -14.17 -16.98 7.15
C GLY C 48 -13.85 -16.92 8.63
N VAL C 49 -13.59 -15.71 9.11
CA VAL C 49 -13.24 -15.54 10.51
C VAL C 49 -13.82 -14.27 11.09
N GLU C 50 -13.83 -14.20 12.41
CA GLU C 50 -14.30 -13.01 13.11
C GLU C 50 -13.48 -12.93 14.38
N VAL C 51 -12.65 -11.91 14.45
CA VAL C 51 -11.78 -11.69 15.59
C VAL C 51 -12.41 -10.58 16.42
N ALA C 52 -12.14 -10.58 17.71
CA ALA C 52 -12.67 -9.55 18.59
C ALA C 52 -11.65 -9.26 19.65
N ILE C 53 -11.71 -8.04 20.17
CA ILE C 53 -10.79 -7.64 21.21
C ILE C 53 -11.46 -6.59 22.07
N ASN C 54 -11.45 -6.82 23.38
CA ASN C 54 -12.07 -5.90 24.30
C ASN C 54 -11.12 -4.76 24.61
N LYS C 56 -9.29 -2.02 26.91
CA LYS C 56 -8.73 -2.07 28.26
C LYS C 56 -7.73 -0.92 28.32
N PRO C 57 -7.38 -0.45 29.53
CA PRO C 57 -6.44 0.66 29.67
C PRO C 57 -5.08 0.54 28.95
N GLU C 58 -4.52 -0.67 28.92
CA GLU C 58 -3.22 -0.89 28.28
C GLU C 58 -3.18 -0.72 26.76
N LEU C 59 -4.34 -0.69 26.12
CA LEU C 59 -4.40 -0.54 24.66
C LEU C 59 -4.60 0.90 24.18
N ILE C 60 -4.70 1.85 25.10
CA ILE C 60 -4.91 3.24 24.71
C ILE C 60 -3.66 3.85 24.10
N GLY C 61 -3.85 4.63 23.05
CA GLY C 61 -2.73 5.28 22.40
C GLY C 61 -2.57 6.68 22.96
N ASN C 62 -3.59 7.52 22.77
CA ASN C 62 -3.53 8.88 23.28
C ASN C 62 -4.49 8.95 24.45
N ILE C 63 -3.95 9.07 25.65
CA ILE C 63 -4.78 9.14 26.85
C ILE C 63 -5.72 10.34 26.80
N HIS C 64 -5.22 11.46 26.29
CA HIS C 64 -6.02 12.68 26.20
C HIS C 64 -7.25 12.51 25.32
N GLN C 65 -7.35 11.37 24.63
CA GLN C 65 -8.49 11.12 23.76
C GLN C 65 -9.09 9.73 24.00
N GLN C 66 -8.47 8.96 24.87
CA GLN C 66 -8.96 7.61 25.18
C GLN C 66 -9.30 6.82 23.92
N ILE C 67 -8.37 6.84 22.97
CA ILE C 67 -8.55 6.14 21.71
C ILE C 67 -7.62 4.94 21.56
N LEU C 68 -8.09 3.94 20.83
CA LEU C 68 -7.32 2.72 20.61
C LEU C 68 -6.01 3.03 19.87
N HIS C 69 -4.91 2.42 20.31
CA HIS C 69 -3.62 2.65 19.67
C HIS C 69 -3.61 1.98 18.29
N GLY C 70 -3.21 2.74 17.28
CA GLY C 70 -3.18 2.22 15.92
C GLY C 70 -2.47 0.89 15.78
N GLY C 71 -1.49 0.64 16.64
CA GLY C 71 -0.76 -0.62 16.60
C GLY C 71 -1.67 -1.81 16.83
N VAL C 72 -2.70 -1.60 17.65
CA VAL C 72 -3.63 -2.70 17.93
C VAL C 72 -4.42 -2.98 16.66
N THR C 73 -4.94 -1.90 16.07
CA THR C 73 -5.71 -1.99 14.84
C THR C 73 -4.96 -2.80 13.79
N ALA C 74 -3.73 -2.40 13.50
CA ALA C 74 -2.92 -3.10 12.50
C ALA C 74 -2.74 -4.57 12.85
N THR C 75 -2.50 -4.86 14.13
CA THR C 75 -2.32 -6.24 14.57
C THR C 75 -3.55 -7.08 14.26
N VAL C 76 -4.71 -6.58 14.66
CA VAL C 76 -5.96 -7.27 14.46
C VAL C 76 -6.28 -7.52 12.98
N LEU C 77 -6.06 -6.50 12.14
CA LEU C 77 -6.33 -6.63 10.70
C LEU C 77 -5.45 -7.72 10.08
N ASP C 78 -4.17 -7.71 10.42
CA ASP C 78 -3.21 -8.70 9.91
C ASP C 78 -3.57 -10.15 10.30
N VAL C 79 -4.01 -10.37 11.54
CA VAL C 79 -4.39 -11.71 11.97
C VAL C 79 -5.64 -12.11 11.20
N VAL C 80 -6.62 -11.21 11.13
CA VAL C 80 -7.83 -11.52 10.39
C VAL C 80 -7.47 -11.91 8.97
N GLY C 81 -6.51 -11.19 8.38
CA GLY C 81 -6.09 -11.48 7.02
C GLY C 81 -5.46 -12.85 6.83
N GLY C 82 -4.56 -13.22 7.74
CA GLY C 82 -3.92 -14.52 7.63
C GLY C 82 -4.93 -15.66 7.79
N LEU C 83 -5.85 -15.50 8.75
CA LEU C 83 -6.87 -16.52 8.99
C LEU C 83 -7.81 -16.63 7.80
N THR C 84 -8.17 -15.48 7.22
CA THR C 84 -9.04 -15.46 6.06
C THR C 84 -8.34 -16.18 4.90
N ALA C 85 -7.06 -15.88 4.71
CA ALA C 85 -6.30 -16.50 3.63
C ALA C 85 -6.26 -18.01 3.78
N PHE C 86 -5.87 -18.49 4.96
CA PHE C 86 -5.78 -19.92 5.22
C PHE C 86 -7.16 -20.60 5.04
N ALA C 87 -8.21 -19.97 5.53
CA ALA C 87 -9.54 -20.54 5.40
C ALA C 87 -9.85 -20.74 3.92
N GLY C 88 -9.58 -19.71 3.12
CA GLY C 88 -9.83 -19.79 1.70
C GLY C 88 -9.06 -20.93 1.06
N LEU C 89 -7.88 -21.22 1.60
CA LEU C 89 -7.05 -22.29 1.09
C LEU C 89 -7.63 -23.66 1.45
N VAL C 90 -8.21 -23.77 2.64
CA VAL C 90 -8.80 -25.02 3.08
C VAL C 90 -9.94 -25.39 2.15
N ALA C 91 -10.76 -24.39 1.84
CA ALA C 91 -11.91 -24.56 0.96
C ALA C 91 -11.48 -24.70 -0.50
N SER C 92 -10.18 -24.56 -0.74
CA SER C 92 -9.64 -24.65 -2.10
C SER C 92 -9.79 -26.04 -2.70
N ARG C 93 -9.36 -27.05 -1.97
CA ARG C 93 -9.43 -28.43 -2.43
C ARG C 93 -10.38 -29.21 -1.52
N ASP C 94 -10.90 -30.33 -2.04
CA ASP C 94 -11.81 -31.15 -1.25
C ASP C 94 -11.18 -32.47 -0.84
N ASP C 95 -9.88 -32.61 -1.02
CA ASP C 95 -9.19 -33.84 -0.65
C ASP C 95 -7.90 -33.61 0.12
N TRP C 96 -7.86 -32.55 0.93
CA TRP C 96 -6.67 -32.26 1.72
C TRP C 96 -6.40 -33.36 2.75
N THR C 97 -5.12 -33.59 3.04
CA THR C 97 -4.71 -34.56 4.05
C THR C 97 -4.32 -33.71 5.24
N ILE C 98 -4.70 -34.11 6.44
CA ILE C 98 -4.37 -33.33 7.64
C ILE C 98 -2.91 -32.93 7.71
N GLU C 99 -2.04 -33.75 7.14
CA GLU C 99 -0.61 -33.45 7.15
C GLU C 99 -0.29 -32.35 6.13
N GLU C 100 -0.94 -32.41 4.98
CA GLU C 100 -0.74 -31.43 3.93
C GLU C 100 -1.03 -30.02 4.45
N LEU C 101 -2.22 -29.85 5.02
CA LEU C 101 -2.62 -28.56 5.55
C LEU C 101 -1.75 -28.14 6.73
N GLN C 102 -1.12 -29.10 7.39
CA GLN C 102 -0.26 -28.77 8.53
C GLN C 102 1.02 -28.14 7.99
N GLN C 103 1.48 -28.64 6.85
CA GLN C 103 2.69 -28.12 6.22
C GLN C 103 2.42 -26.69 5.74
N ARG C 104 1.22 -26.46 5.21
CA ARG C 104 0.85 -25.14 4.73
C ARG C 104 0.80 -24.12 5.87
N LEU C 105 0.17 -24.49 6.98
CA LEU C 105 0.05 -23.60 8.12
C LEU C 105 1.44 -23.13 8.59
N GLN C 106 2.45 -23.98 8.39
CA GLN C 106 3.81 -23.65 8.80
C GLN C 106 4.42 -22.60 7.88
N THR C 107 3.89 -22.48 6.66
CA THR C 107 4.40 -21.50 5.72
C THR C 107 3.54 -20.25 5.67
N LEU C 108 2.37 -20.29 6.31
CA LEU C 108 1.48 -19.14 6.32
C LEU C 108 2.22 -17.93 6.89
N GLY C 109 2.10 -16.80 6.20
CA GLY C 109 2.77 -15.59 6.65
C GLY C 109 2.39 -14.41 5.79
N THR C 110 2.57 -13.20 6.34
CA THR C 110 2.22 -11.98 5.64
C THR C 110 3.40 -11.49 4.82
N ILE C 111 3.13 -11.13 3.56
CA ILE C 111 4.18 -10.61 2.70
C ILE C 111 4.17 -9.07 2.82
N ASP C 112 3.01 -8.48 2.60
CA ASP C 112 2.86 -7.04 2.72
C ASP C 112 1.44 -6.74 3.18
N ARG C 114 -1.47 -3.27 3.88
CA ARG C 114 -1.78 -1.86 3.89
C ARG C 114 -2.93 -1.66 4.83
N VAL C 115 -2.82 -0.64 5.68
CA VAL C 115 -3.86 -0.31 6.62
C VAL C 115 -4.31 1.10 6.31
N ASP C 116 -5.63 1.30 6.22
CA ASP C 116 -6.19 2.63 5.98
C ASP C 116 -6.99 2.98 7.25
N TYR C 117 -6.57 4.03 7.95
CA TYR C 117 -7.23 4.45 9.17
C TYR C 117 -8.39 5.41 8.87
N LEU C 118 -9.60 5.01 9.23
CA LEU C 118 -10.78 5.81 8.95
C LEU C 118 -11.30 6.64 10.11
N ARG C 119 -11.34 6.05 11.30
CA ARG C 119 -11.83 6.76 12.48
C ARG C 119 -11.06 6.35 13.72
N PRO C 120 -11.04 7.21 14.73
CA PRO C 120 -10.32 6.85 15.97
C PRO C 120 -11.11 5.72 16.61
N GLY C 121 -10.41 4.73 17.17
CA GLY C 121 -11.10 3.61 17.80
C GLY C 121 -11.66 3.90 19.18
N ARG C 122 -12.97 3.81 19.31
CA ARG C 122 -13.63 4.06 20.59
C ARG C 122 -14.58 2.92 20.89
N GLY C 123 -15.03 2.81 22.13
CA GLY C 123 -15.96 1.76 22.49
C GLY C 123 -15.33 0.67 23.33
N GLN C 124 -16.14 -0.28 23.77
CA GLN C 124 -15.67 -1.37 24.61
C GLN C 124 -15.16 -2.60 23.87
N ILE C 125 -15.72 -2.88 22.69
CA ILE C 125 -15.29 -4.05 21.93
C ILE C 125 -15.07 -3.74 20.46
N PHE C 126 -14.04 -4.34 19.88
CA PHE C 126 -13.72 -4.15 18.47
C PHE C 126 -13.76 -5.50 17.77
N THR C 127 -14.43 -5.54 16.63
CA THR C 127 -14.57 -6.78 15.88
C THR C 127 -13.97 -6.69 14.48
N GLY C 128 -13.30 -7.76 14.06
CA GLY C 128 -12.68 -7.77 12.75
C GLY C 128 -13.07 -8.96 11.89
N THR C 129 -13.24 -8.72 10.60
CA THR C 129 -13.59 -9.77 9.65
C THR C 129 -12.89 -9.43 8.34
N GLY C 130 -12.86 -10.39 7.43
CA GLY C 130 -12.22 -10.15 6.16
C GLY C 130 -12.74 -11.10 5.09
N SER C 131 -12.17 -11.01 3.90
CA SER C 131 -12.54 -11.88 2.79
C SER C 131 -11.42 -11.93 1.76
N VAL C 132 -11.37 -13.03 1.02
CA VAL C 132 -10.37 -13.23 -0.01
C VAL C 132 -10.79 -12.54 -1.31
N ILE C 133 -9.91 -11.72 -1.87
CA ILE C 133 -10.22 -11.08 -3.15
C ILE C 133 -9.46 -11.77 -4.29
N ARG C 134 -8.38 -12.47 -3.94
CA ARG C 134 -7.62 -13.22 -4.93
C ARG C 134 -7.12 -14.51 -4.28
N ALA C 135 -7.73 -15.62 -4.66
CA ALA C 135 -7.37 -16.91 -4.11
C ALA C 135 -6.19 -17.47 -4.88
N GLY C 136 -5.33 -18.22 -4.20
CA GLY C 136 -4.18 -18.80 -4.89
C GLY C 136 -3.61 -20.00 -4.14
N ASN C 137 -2.83 -20.81 -4.85
CA ASN C 137 -2.22 -21.96 -4.21
C ASN C 137 -0.97 -21.55 -3.44
N ARG C 138 -0.28 -20.51 -3.93
CA ARG C 138 0.93 -20.03 -3.28
C ARG C 138 0.74 -18.67 -2.59
N VAL C 139 0.01 -17.76 -3.23
CA VAL C 139 -0.22 -16.45 -2.67
C VAL C 139 -1.69 -16.04 -2.75
N SER C 140 -2.19 -15.41 -1.68
CA SER C 140 -3.57 -14.94 -1.65
C SER C 140 -3.59 -13.50 -1.17
N VAL C 141 -4.57 -12.75 -1.64
CA VAL C 141 -4.73 -11.36 -1.25
C VAL C 141 -6.07 -11.26 -0.56
N CYS C 142 -6.10 -10.59 0.59
CA CYS C 142 -7.33 -10.44 1.34
C CYS C 142 -7.58 -9.01 1.74
N ARG C 143 -8.84 -8.75 2.04
CA ARG C 143 -9.27 -7.44 2.48
C ARG C 143 -9.72 -7.69 3.91
N GLU C 145 -11.43 -5.78 7.66
CA GLU C 145 -12.18 -4.66 8.21
C GLU C 145 -12.26 -4.78 9.73
N LEU C 146 -12.19 -3.64 10.41
CA LEU C 146 -12.30 -3.61 11.87
C LEU C 146 -13.35 -2.57 12.23
N HIS C 147 -14.26 -2.91 13.15
CA HIS C 147 -15.30 -1.96 13.54
C HIS C 147 -15.61 -1.92 15.02
N ASN C 148 -16.20 -0.80 15.46
CA ASN C 148 -16.60 -0.59 16.85
C ASN C 148 -17.96 -1.23 17.13
N GLU C 149 -18.40 -1.12 18.40
CA GLU C 149 -19.66 -1.68 18.86
C GLU C 149 -20.90 -1.00 18.26
N GLN C 150 -20.69 0.16 17.65
CA GLN C 150 -21.78 0.91 17.04
C GLN C 150 -21.87 0.63 15.55
N GLY C 151 -21.11 -0.38 15.11
CA GLY C 151 -21.12 -0.77 13.72
C GLY C 151 -20.31 0.03 12.71
N THR C 152 -19.63 1.09 13.13
CA THR C 152 -18.85 1.86 12.16
C THR C 152 -17.42 1.34 12.03
N HIS C 153 -16.88 1.45 10.82
CA HIS C 153 -15.54 0.99 10.51
C HIS C 153 -14.42 1.88 11.03
N ILE C 154 -13.52 1.28 11.80
CA ILE C 154 -12.39 2.00 12.35
C ILE C 154 -11.23 2.01 11.35
N ALA C 155 -11.10 0.91 10.62
CA ALA C 155 -10.03 0.77 9.62
C ALA C 155 -10.29 -0.37 8.64
N PHE C 156 -9.64 -0.29 7.48
CA PHE C 156 -9.72 -1.33 6.46
C PHE C 156 -8.30 -1.81 6.26
N GLY C 157 -8.15 -3.03 5.79
CA GLY C 157 -6.83 -3.55 5.55
C GLY C 157 -6.84 -4.36 4.27
N THR C 158 -5.68 -4.45 3.64
CA THR C 158 -5.54 -5.27 2.46
C THR C 158 -4.22 -5.99 2.72
N GLY C 159 -4.20 -7.30 2.57
CA GLY C 159 -2.99 -8.04 2.82
C GLY C 159 -2.70 -9.11 1.79
N THR C 160 -1.42 -9.31 1.52
CA THR C 160 -0.95 -10.31 0.59
C THR C 160 -0.26 -11.36 1.46
N TYR C 161 -0.73 -12.60 1.35
CA TYR C 161 -0.21 -13.68 2.18
C TYR C 161 0.34 -14.86 1.42
N VAL C 163 0.54 -18.64 1.22
CA VAL C 163 -0.24 -19.78 1.69
C VAL C 163 0.36 -21.10 1.22
N GLY C 164 1.59 -21.02 0.71
CA GLY C 164 2.27 -22.20 0.24
C GLY C 164 3.40 -21.84 -0.70
N SER D 12 -29.59 19.41 -7.28
CA SER D 12 -28.73 19.94 -6.18
C SER D 12 -28.44 21.43 -6.37
N ASN D 13 -27.41 21.91 -5.67
CA ASN D 13 -26.98 23.31 -5.75
C ASN D 13 -26.67 23.66 -7.20
N PRO D 14 -27.09 24.85 -7.66
CA PRO D 14 -26.83 25.27 -9.04
C PRO D 14 -25.35 25.25 -9.40
N ILE D 15 -24.51 25.67 -8.46
CA ILE D 15 -23.07 25.70 -8.66
C ILE D 15 -22.48 24.29 -8.56
N GLN D 16 -23.04 23.47 -7.66
CA GLN D 16 -22.57 22.09 -7.49
C GLN D 16 -22.81 21.31 -8.78
N ALA D 17 -23.81 21.75 -9.53
CA ALA D 17 -24.16 21.11 -10.79
C ALA D 17 -23.14 21.49 -11.86
N GLU D 18 -22.80 22.77 -11.91
CA GLU D 18 -21.84 23.27 -12.89
C GLU D 18 -20.55 22.47 -12.84
N VAL D 19 -19.92 22.45 -11.67
CA VAL D 19 -18.67 21.73 -11.48
C VAL D 19 -18.79 20.24 -11.80
N LEU D 20 -19.90 19.62 -11.39
CA LEU D 20 -20.11 18.20 -11.66
C LEU D 20 -20.21 17.89 -13.14
N LYS D 21 -20.63 18.86 -13.93
CA LYS D 21 -20.75 18.67 -15.37
C LYS D 21 -19.52 19.25 -16.07
N ARG D 22 -18.75 20.05 -15.33
CA ARG D 22 -17.55 20.66 -15.86
C ARG D 22 -16.35 19.76 -15.57
N VAL D 23 -16.07 19.54 -14.29
CA VAL D 23 -14.96 18.70 -13.86
C VAL D 23 -15.01 17.36 -14.61
N ALA D 24 -16.21 16.82 -14.79
CA ALA D 24 -16.38 15.57 -15.49
C ALA D 24 -15.86 15.69 -16.92
N GLU D 25 -16.11 16.85 -17.53
CA GLU D 25 -15.66 17.12 -18.89
C GLU D 25 -14.18 17.49 -18.94
N VAL D 26 -13.68 18.08 -17.85
CA VAL D 26 -12.27 18.43 -17.80
C VAL D 26 -11.46 17.15 -17.89
N PHE D 27 -11.66 16.26 -16.93
CA PHE D 27 -10.97 14.97 -16.91
C PHE D 27 -11.19 14.23 -18.23
N ASP D 28 -12.46 14.18 -18.65
CA ASP D 28 -12.84 13.49 -19.87
C ASP D 28 -11.99 13.78 -21.10
N GLN D 29 -11.87 15.04 -21.49
CA GLN D 29 -11.10 15.35 -22.68
C GLN D 29 -9.97 16.38 -22.58
N HIS D 30 -9.92 17.15 -21.49
CA HIS D 30 -8.86 18.15 -21.33
C HIS D 30 -7.50 17.56 -20.91
N VAL D 31 -7.47 16.26 -20.68
CA VAL D 31 -6.24 15.59 -20.27
C VAL D 31 -5.67 14.76 -21.40
N PRO D 32 -4.51 15.18 -21.93
CA PRO D 32 -3.82 14.49 -23.03
C PRO D 32 -3.69 12.98 -22.88
N PHE D 33 -3.19 12.53 -21.73
CA PHE D 33 -3.03 11.09 -21.53
C PHE D 33 -4.39 10.38 -21.60
N HIS D 34 -5.44 11.01 -21.08
CA HIS D 34 -6.76 10.39 -21.12
C HIS D 34 -7.20 10.15 -22.57
N ASN D 35 -6.79 11.07 -23.45
CA ASN D 35 -7.14 10.94 -24.87
C ASN D 35 -6.27 9.93 -25.60
N LEU D 36 -5.01 9.80 -25.18
CA LEU D 36 -4.10 8.84 -25.79
C LEU D 36 -4.60 7.42 -25.55
N LEU D 37 -5.19 7.19 -24.38
CA LEU D 37 -5.72 5.89 -23.99
C LEU D 37 -7.17 5.66 -24.43
N GLY D 38 -7.91 6.76 -24.62
CA GLY D 38 -9.30 6.64 -25.02
C GLY D 38 -10.17 6.53 -23.79
N LEU D 39 -9.71 7.13 -22.71
CA LEU D 39 -10.41 7.11 -21.43
C LEU D 39 -11.57 8.12 -21.42
N ASP D 40 -12.76 7.65 -21.08
CA ASP D 40 -13.95 8.50 -21.02
C ASP D 40 -14.70 8.46 -19.70
N ILE D 41 -14.92 9.63 -19.11
CA ILE D 41 -15.66 9.71 -17.88
C ILE D 41 -17.13 9.78 -18.28
N LYS D 42 -17.75 8.61 -18.41
CA LYS D 42 -19.14 8.50 -18.82
C LYS D 42 -20.07 9.44 -18.07
N ARG D 43 -20.07 9.34 -16.75
CA ARG D 43 -20.90 10.20 -15.92
C ARG D 43 -20.09 10.73 -14.75
N TYR D 44 -20.77 11.48 -13.88
CA TYR D 44 -20.14 12.05 -12.71
C TYR D 44 -21.22 12.79 -11.91
N ASP D 45 -21.44 12.37 -10.67
CA ASP D 45 -22.44 13.01 -9.82
C ASP D 45 -22.22 12.74 -8.33
N ILE D 46 -22.87 13.55 -7.50
CA ILE D 46 -22.77 13.49 -6.05
C ILE D 46 -22.36 12.17 -5.41
N ASP D 47 -22.81 11.05 -5.99
CA ASP D 47 -22.48 9.74 -5.43
C ASP D 47 -21.26 9.05 -6.05
N GLY D 48 -21.46 8.40 -7.19
CA GLY D 48 -20.36 7.70 -7.82
C GLY D 48 -20.08 8.05 -9.27
N VAL D 49 -18.79 8.21 -9.59
CA VAL D 49 -18.35 8.51 -10.94
C VAL D 49 -18.11 7.21 -11.69
N GLU D 50 -18.05 7.28 -13.01
CA GLU D 50 -17.80 6.10 -13.82
C GLU D 50 -16.77 6.43 -14.90
N VAL D 51 -15.85 5.49 -15.14
CA VAL D 51 -14.80 5.68 -16.14
C VAL D 51 -14.67 4.43 -17.00
N ALA D 52 -14.88 4.57 -18.30
CA ALA D 52 -14.79 3.42 -19.17
C ALA D 52 -13.67 3.55 -20.20
N ILE D 53 -13.20 2.42 -20.69
CA ILE D 53 -12.15 2.41 -21.68
C ILE D 53 -12.30 1.19 -22.57
N ASN D 54 -12.39 1.42 -23.88
CA ASN D 54 -12.54 0.34 -24.84
C ASN D 54 -11.20 -0.31 -25.14
N LYS D 56 -8.24 -1.83 -27.13
CA LYS D 56 -7.67 -1.52 -28.44
C LYS D 56 -6.24 -2.07 -28.44
N PRO D 57 -5.76 -2.50 -29.62
CA PRO D 57 -4.40 -3.05 -29.74
C PRO D 57 -3.31 -2.30 -28.98
N GLU D 58 -3.43 -0.97 -28.92
CA GLU D 58 -2.44 -0.14 -28.25
C GLU D 58 -2.33 -0.30 -26.73
N LEU D 59 -3.35 -0.90 -26.12
CA LEU D 59 -3.37 -1.07 -24.67
C LEU D 59 -2.90 -2.45 -24.19
N ILE D 60 -2.52 -3.32 -25.12
CA ILE D 60 -2.07 -4.65 -24.75
C ILE D 60 -0.69 -4.70 -24.11
N GLY D 61 -0.51 -5.65 -23.19
CA GLY D 61 0.75 -5.85 -22.53
C GLY D 61 1.35 -7.13 -23.10
N ASN D 62 0.86 -8.27 -22.64
CA ASN D 62 1.34 -9.57 -23.10
C ASN D 62 0.56 -9.92 -24.38
N ILE D 63 1.25 -9.98 -25.50
CA ILE D 63 0.59 -10.29 -26.77
C ILE D 63 0.12 -11.73 -26.87
N HIS D 64 0.82 -12.64 -26.20
CA HIS D 64 0.42 -14.04 -26.20
C HIS D 64 -0.90 -14.24 -25.48
N GLN D 65 -1.03 -13.62 -24.31
CA GLN D 65 -2.24 -13.72 -23.51
C GLN D 65 -3.25 -12.68 -23.98
N GLN D 66 -2.78 -11.69 -24.73
CA GLN D 66 -3.64 -10.64 -25.24
C GLN D 66 -4.39 -9.99 -24.08
N ILE D 67 -3.63 -9.57 -23.08
CA ILE D 67 -4.23 -8.94 -21.91
C ILE D 67 -3.81 -7.48 -21.75
N LEU D 68 -4.69 -6.73 -21.11
CA LEU D 68 -4.47 -5.33 -20.85
C LEU D 68 -3.18 -5.13 -20.05
N HIS D 69 -2.41 -4.11 -20.40
CA HIS D 69 -1.17 -3.80 -19.69
C HIS D 69 -1.53 -3.25 -18.31
N GLY D 70 -0.84 -3.73 -17.27
CA GLY D 70 -1.10 -3.29 -15.91
C GLY D 70 -1.10 -1.79 -15.68
N GLY D 71 -0.39 -1.05 -16.54
CA GLY D 71 -0.34 0.39 -16.41
C GLY D 71 -1.67 1.03 -16.75
N VAL D 72 -2.43 0.41 -17.66
CA VAL D 72 -3.73 0.94 -18.05
C VAL D 72 -4.67 0.78 -16.84
N THR D 73 -4.62 -0.41 -16.25
CA THR D 73 -5.43 -0.72 -15.06
C THR D 73 -5.15 0.29 -13.95
N ALA D 74 -3.87 0.56 -13.71
CA ALA D 74 -3.46 1.51 -12.67
C ALA D 74 -3.98 2.90 -13.00
N THR D 75 -3.74 3.35 -14.23
CA THR D 75 -4.22 4.66 -14.67
C THR D 75 -5.71 4.85 -14.40
N VAL D 76 -6.53 3.94 -14.92
CA VAL D 76 -7.97 4.01 -14.76
C VAL D 76 -8.43 4.07 -13.30
N LEU D 77 -7.80 3.28 -12.43
CA LEU D 77 -8.17 3.29 -11.01
C LEU D 77 -7.79 4.63 -10.37
N ASP D 78 -6.60 5.15 -10.69
CA ASP D 78 -6.17 6.43 -10.13
C ASP D 78 -7.13 7.55 -10.53
N VAL D 79 -7.54 7.56 -11.79
CA VAL D 79 -8.47 8.57 -12.28
C VAL D 79 -9.83 8.45 -11.57
N VAL D 80 -10.33 7.23 -11.44
CA VAL D 80 -11.59 7.00 -10.75
C VAL D 80 -11.53 7.58 -9.33
N GLY D 81 -10.41 7.36 -8.64
CA GLY D 81 -10.26 7.84 -7.28
C GLY D 81 -10.23 9.34 -7.07
N GLY D 82 -9.43 10.03 -7.90
CA GLY D 82 -9.34 11.47 -7.78
C GLY D 82 -10.70 12.09 -8.01
N LEU D 83 -11.38 11.61 -9.05
CA LEU D 83 -12.72 12.10 -9.38
C LEU D 83 -13.69 11.83 -8.26
N THR D 84 -13.61 10.63 -7.70
CA THR D 84 -14.47 10.23 -6.60
C THR D 84 -14.19 11.13 -5.40
N ALA D 85 -12.91 11.36 -5.14
CA ALA D 85 -12.53 12.22 -4.01
C ALA D 85 -13.07 13.65 -4.21
N PHE D 86 -12.74 14.27 -5.34
CA PHE D 86 -13.23 15.62 -5.59
C PHE D 86 -14.76 15.70 -5.54
N ALA D 87 -15.43 14.71 -6.11
CA ALA D 87 -16.90 14.72 -6.08
C ALA D 87 -17.36 14.73 -4.64
N GLY D 88 -16.63 14.02 -3.77
CA GLY D 88 -16.98 13.97 -2.37
C GLY D 88 -16.83 15.33 -1.73
N LEU D 89 -15.80 16.06 -2.15
CA LEU D 89 -15.56 17.39 -1.61
C LEU D 89 -16.70 18.32 -1.98
N VAL D 90 -17.15 18.22 -3.22
CA VAL D 90 -18.23 19.05 -3.72
C VAL D 90 -19.51 18.87 -2.92
N ALA D 91 -20.01 17.65 -2.86
CA ALA D 91 -21.24 17.37 -2.13
C ALA D 91 -21.20 17.70 -0.64
N SER D 92 -20.01 17.87 -0.07
CA SER D 92 -19.90 18.15 1.36
C SER D 92 -20.33 19.54 1.80
N ARG D 93 -20.53 20.45 0.85
CA ARG D 93 -20.94 21.81 1.20
C ARG D 93 -21.91 22.40 0.19
N ASP D 94 -22.61 23.45 0.62
CA ASP D 94 -23.57 24.13 -0.24
C ASP D 94 -23.17 25.58 -0.41
N ASP D 95 -22.07 25.96 0.23
CA ASP D 95 -21.57 27.33 0.19
C ASP D 95 -20.47 27.50 -0.85
N TRP D 96 -20.08 26.41 -1.49
CA TRP D 96 -19.03 26.43 -2.50
C TRP D 96 -19.23 27.53 -3.54
N THR D 97 -18.23 28.39 -3.69
CA THR D 97 -18.28 29.45 -4.68
C THR D 97 -17.58 28.85 -5.90
N ILE D 98 -17.47 29.60 -6.99
CA ILE D 98 -16.81 29.05 -8.17
C ILE D 98 -15.28 29.04 -8.01
N GLU D 99 -14.69 30.16 -7.63
CA GLU D 99 -13.25 30.23 -7.46
C GLU D 99 -12.79 29.34 -6.31
N GLU D 100 -13.66 29.21 -5.32
CA GLU D 100 -13.39 28.39 -4.14
C GLU D 100 -13.06 26.96 -4.58
N LEU D 101 -13.89 26.41 -5.44
CA LEU D 101 -13.70 25.05 -5.96
C LEU D 101 -12.61 25.01 -7.02
N GLN D 102 -12.39 26.11 -7.73
CA GLN D 102 -11.35 26.14 -8.76
C GLN D 102 -9.99 25.98 -8.10
N GLN D 103 -9.80 26.63 -6.94
CA GLN D 103 -8.54 26.53 -6.21
C GLN D 103 -8.37 25.08 -5.76
N ARG D 104 -9.47 24.45 -5.39
CA ARG D 104 -9.45 23.06 -4.94
C ARG D 104 -9.03 22.13 -6.07
N LEU D 105 -9.66 22.31 -7.22
CA LEU D 105 -9.38 21.47 -8.39
C LEU D 105 -7.92 21.55 -8.82
N GLN D 106 -7.28 22.69 -8.54
CA GLN D 106 -5.88 22.90 -8.90
C GLN D 106 -5.00 22.20 -7.86
N THR D 107 -5.57 21.96 -6.69
CA THR D 107 -4.86 21.30 -5.60
C THR D 107 -4.99 19.77 -5.70
N LEU D 108 -6.10 19.31 -6.26
CA LEU D 108 -6.40 17.90 -6.40
C LEU D 108 -5.20 17.12 -6.94
N GLY D 109 -4.86 16.03 -6.24
CA GLY D 109 -3.74 15.21 -6.65
C GLY D 109 -3.65 13.94 -5.82
N THR D 110 -3.00 12.93 -6.38
CA THR D 110 -2.82 11.65 -5.69
C THR D 110 -1.57 11.69 -4.82
N ILE D 111 -1.71 11.28 -3.57
CA ILE D 111 -0.58 11.25 -2.65
C ILE D 111 0.04 9.86 -2.74
N ASP D 112 -0.78 8.84 -2.64
CA ASP D 112 -0.31 7.47 -2.77
C ASP D 112 -1.47 6.61 -3.25
N ARG D 114 -2.59 2.20 -3.99
CA ARG D 114 -2.24 0.79 -3.98
C ARG D 114 -3.16 0.10 -4.95
N VAL D 115 -2.60 -0.71 -5.83
CA VAL D 115 -3.41 -1.45 -6.78
C VAL D 115 -3.26 -2.95 -6.48
N ASP D 116 -4.38 -3.66 -6.48
CA ASP D 116 -4.36 -5.10 -6.26
C ASP D 116 -4.86 -5.72 -7.56
N TYR D 117 -3.97 -6.41 -8.27
CA TYR D 117 -4.35 -7.03 -9.53
C TYR D 117 -4.97 -8.39 -9.20
N LEU D 118 -6.26 -8.52 -9.53
CA LEU D 118 -7.01 -9.73 -9.23
C LEU D 118 -7.06 -10.78 -10.34
N ARG D 119 -7.32 -10.34 -11.57
CA ARG D 119 -7.41 -11.28 -12.69
C ARG D 119 -6.79 -10.70 -13.95
N PRO D 120 -6.44 -11.57 -14.91
CA PRO D 120 -5.85 -11.08 -16.17
C PRO D 120 -6.77 -10.06 -16.83
N GLY D 121 -6.20 -8.96 -17.30
CA GLY D 121 -6.99 -7.91 -17.93
C GLY D 121 -7.53 -8.22 -19.31
N ARG D 122 -8.56 -9.05 -19.39
CA ARG D 122 -9.16 -9.39 -20.68
C ARG D 122 -10.61 -8.91 -20.73
N GLY D 123 -10.99 -8.42 -21.91
CA GLY D 123 -12.34 -7.91 -22.09
C GLY D 123 -12.47 -6.97 -23.27
N GLN D 124 -13.69 -6.56 -23.58
CA GLN D 124 -13.95 -5.64 -24.69
C GLN D 124 -14.03 -4.22 -24.17
N ILE D 125 -14.78 -4.02 -23.09
CA ILE D 125 -14.93 -2.71 -22.48
C ILE D 125 -14.62 -2.85 -20.99
N PHE D 126 -13.91 -1.87 -20.44
CA PHE D 126 -13.55 -1.90 -19.02
C PHE D 126 -14.15 -0.66 -18.37
N THR D 127 -14.70 -0.83 -17.18
CA THR D 127 -15.33 0.27 -16.47
C THR D 127 -14.81 0.35 -15.04
N GLY D 128 -14.52 1.56 -14.58
CA GLY D 128 -14.04 1.74 -13.23
C GLY D 128 -14.99 2.61 -12.43
N THR D 129 -15.14 2.29 -11.15
CA THR D 129 -15.99 3.07 -10.26
C THR D 129 -15.31 3.12 -8.90
N GLY D 130 -15.74 4.03 -8.05
CA GLY D 130 -15.15 4.15 -6.74
C GLY D 130 -16.08 4.71 -5.69
N SER D 131 -15.53 4.88 -4.48
CA SER D 131 -16.27 5.44 -3.36
C SER D 131 -15.27 5.90 -2.31
N VAL D 132 -15.66 6.96 -1.60
CA VAL D 132 -14.83 7.55 -0.56
C VAL D 132 -14.99 6.72 0.71
N ILE D 133 -13.88 6.28 1.30
CA ILE D 133 -13.98 5.50 2.53
C ILE D 133 -13.60 6.41 3.69
N ARG D 134 -12.95 7.53 3.37
CA ARG D 134 -12.57 8.53 4.34
C ARG D 134 -12.68 9.91 3.69
N ALA D 135 -13.71 10.65 4.05
CA ALA D 135 -13.93 11.98 3.50
C ALA D 135 -13.21 13.02 4.35
N GLY D 136 -12.42 13.87 3.72
CA GLY D 136 -11.71 14.89 4.45
C GLY D 136 -11.83 16.25 3.79
N ASN D 137 -11.53 17.30 4.55
CA ASN D 137 -11.60 18.65 4.01
C ASN D 137 -10.29 18.94 3.28
N ARG D 138 -9.24 18.22 3.66
CA ARG D 138 -7.93 18.38 3.02
C ARG D 138 -7.45 17.08 2.38
N VAL D 139 -7.79 15.95 3.00
CA VAL D 139 -7.39 14.64 2.48
C VAL D 139 -8.54 13.66 2.49
N SER D 140 -8.70 12.92 1.39
CA SER D 140 -9.74 11.91 1.26
C SER D 140 -9.13 10.61 0.77
N VAL D 141 -9.69 9.49 1.22
CA VAL D 141 -9.21 8.18 0.79
C VAL D 141 -10.37 7.46 0.14
N CYS D 142 -10.11 6.83 -0.99
CA CYS D 142 -11.15 6.10 -1.69
C CYS D 142 -10.72 4.70 -2.08
N ARG D 143 -11.69 3.88 -2.47
CA ARG D 143 -11.44 2.54 -2.95
C ARG D 143 -11.92 2.56 -4.38
N GLU D 145 -12.38 0.26 -8.28
CA GLU D 145 -12.58 -1.06 -8.83
C GLU D 145 -12.67 -1.02 -10.36
N LEU D 146 -12.12 -2.06 -11.00
CA LEU D 146 -12.13 -2.16 -12.44
C LEU D 146 -12.70 -3.50 -12.91
N HIS D 147 -13.70 -3.47 -13.77
CA HIS D 147 -14.30 -4.70 -14.28
C HIS D 147 -14.52 -4.65 -15.79
N ASN D 148 -14.76 -5.81 -16.41
CA ASN D 148 -15.01 -5.85 -17.85
C ASN D 148 -16.52 -5.87 -18.07
N GLU D 149 -16.94 -5.88 -19.34
CA GLU D 149 -18.36 -5.88 -19.69
C GLU D 149 -19.13 -7.05 -19.13
N GLN D 150 -18.42 -8.13 -18.78
CA GLN D 150 -19.05 -9.30 -18.20
C GLN D 150 -19.16 -9.15 -16.70
N GLY D 151 -18.67 -8.02 -16.18
CA GLY D 151 -18.74 -7.76 -14.75
C GLY D 151 -17.59 -8.32 -13.93
N THR D 152 -16.68 -9.03 -14.60
CA THR D 152 -15.55 -9.63 -13.92
C THR D 152 -14.55 -8.61 -13.38
N HIS D 153 -14.28 -8.66 -12.08
CA HIS D 153 -13.35 -7.75 -11.43
C HIS D 153 -11.90 -7.99 -11.83
N ILE D 154 -11.30 -7.02 -12.50
CA ILE D 154 -9.91 -7.15 -12.94
C ILE D 154 -8.92 -6.69 -11.86
N ALA D 155 -9.24 -5.59 -11.17
CA ALA D 155 -8.37 -5.07 -10.13
C ALA D 155 -9.09 -4.16 -9.14
N PHE D 156 -8.52 -4.04 -7.94
CA PHE D 156 -9.06 -3.17 -6.90
C PHE D 156 -7.97 -2.16 -6.61
N GLY D 157 -8.36 -1.00 -6.09
CA GLY D 157 -7.37 0.01 -5.78
C GLY D 157 -7.78 0.78 -4.54
N THR D 158 -6.83 1.46 -3.94
CA THR D 158 -7.10 2.29 -2.77
C THR D 158 -6.18 3.47 -2.94
N GLY D 159 -6.73 4.66 -2.87
CA GLY D 159 -5.89 5.83 -3.03
C GLY D 159 -6.17 6.93 -2.02
N THR D 160 -5.11 7.64 -1.68
CA THR D 160 -5.16 8.75 -0.76
C THR D 160 -4.95 10.03 -1.58
N TYR D 161 -5.95 10.90 -1.56
CA TYR D 161 -5.91 12.11 -2.36
C TYR D 161 -5.94 13.43 -1.59
N VAL D 163 -7.32 16.99 -1.45
CA VAL D 163 -8.48 17.69 -1.98
C VAL D 163 -8.56 19.15 -1.55
N GLY D 164 -7.60 19.58 -0.75
CA GLY D 164 -7.58 20.94 -0.28
C GLY D 164 -6.20 21.34 0.25
#